data_4JIN
#
_entry.id   4JIN
#
_cell.length_a   42.553
_cell.length_b   52.608
_cell.length_c   63.654
_cell.angle_alpha   90.00
_cell.angle_beta   109.22
_cell.angle_gamma   90.00
#
_symmetry.space_group_name_H-M   'P 1 21 1'
#
loop_
_entity.id
_entity.type
_entity.pdbx_description
1 polymer 'RIO-type serine/threonine-protein kinase Rio1'
2 non-polymer (2E)-N-benzyl-2-cyano-3-(pyridin-4-yl)prop-2-enamide
3 water water
#
_entity_poly.entity_id   1
_entity_poly.type   'polypeptide(L)'
_entity_poly.pdbx_seq_one_letter_code
;MKDLKKIESYLDKLRIKEKDGEERKIYAEVLDGRTLKTLYKLSAKGYITAMGGVISTGKEANVFYADGVFDGKPVAMAVK
IYRIETSEFDKMDEYLYGDERFDMRRISPKEKVFIWTEKEFRNLERAKEAGVSVPQPYTYMKNVLLMEFIGEDELPAPTL
VELGRELKELDVEGIFNDVVENVKRLYQEAELVHADLSEYNIMYIDKVYFIDMGQAVTLRHPMAESYLERDVRNIIRFFS
KYGVKADFEEMLKEVKGE
;
_entity_poly.pdbx_strand_id   A
#
loop_
_chem_comp.id
_chem_comp.type
_chem_comp.name
_chem_comp.formula
1L7 non-polymer (2E)-N-benzyl-2-cyano-3-(pyridin-4-yl)prop-2-enamide 'C16 H13 N3 O'
#
# COMPACT_ATOMS: atom_id res chain seq x y z
N LYS A 5 0.09 39.89 -11.67
CA LYS A 5 1.18 39.12 -11.08
C LYS A 5 0.65 38.13 -10.03
N LYS A 6 -0.06 37.11 -10.51
CA LYS A 6 -0.80 36.19 -9.64
C LYS A 6 0.04 34.98 -9.23
N ILE A 7 -0.15 34.51 -8.00
CA ILE A 7 0.49 33.28 -7.55
C ILE A 7 0.09 32.12 -8.49
N GLU A 8 0.99 31.16 -8.66
CA GLU A 8 0.74 30.05 -9.58
C GLU A 8 -0.23 29.04 -9.02
N SER A 9 -0.07 28.74 -7.73
CA SER A 9 -0.85 27.69 -7.10
C SER A 9 -0.96 28.02 -5.63
N TYR A 10 -1.70 27.18 -4.91
CA TYR A 10 -1.85 27.35 -3.47
C TYR A 10 -0.95 26.39 -2.69
N LEU A 11 0.08 25.89 -3.36
CA LEU A 11 1.01 24.92 -2.78
C LEU A 11 1.53 25.36 -1.43
N ASP A 12 1.79 26.66 -1.29
CA ASP A 12 2.39 27.15 -0.06
C ASP A 12 1.45 27.15 1.14
N LYS A 13 0.20 26.71 0.94
CA LYS A 13 -0.71 26.58 2.07
C LYS A 13 -0.44 25.27 2.78
N LEU A 14 0.25 24.37 2.10
CA LEU A 14 0.66 23.11 2.71
C LEU A 14 1.86 23.32 3.64
N ARG A 15 1.84 22.67 4.80
CA ARG A 15 3.04 22.67 5.64
C ARG A 15 4.00 21.58 5.16
N ILE A 16 5.04 21.99 4.44
CA ILE A 16 6.08 21.10 3.96
C ILE A 16 7.36 21.42 4.70
N LYS A 17 7.83 20.49 5.53
CA LYS A 17 9.09 20.71 6.24
C LYS A 17 10.31 20.51 5.33
N GLU A 18 11.38 21.24 5.63
CA GLU A 18 12.54 21.34 4.76
C GLU A 18 12.11 21.77 3.36
N LYS A 19 11.21 22.75 3.30
CA LYS A 19 10.75 23.25 2.02
C LYS A 19 11.78 24.20 1.43
N ASP A 20 12.79 23.63 0.79
CA ASP A 20 13.71 24.42 -0.01
C ASP A 20 13.22 24.38 -1.45
N GLY A 21 14.10 24.68 -2.39
CA GLY A 21 13.75 24.64 -3.79
C GLY A 21 13.25 23.28 -4.25
N GLU A 22 14.04 22.25 -4.00
CA GLU A 22 13.82 20.93 -4.62
C GLU A 22 12.61 20.17 -4.09
N GLU A 23 12.41 20.23 -2.77
CA GLU A 23 11.25 19.62 -2.14
C GLU A 23 9.96 20.20 -2.74
N ARG A 24 9.89 21.54 -2.77
CA ARG A 24 8.73 22.20 -3.33
C ARG A 24 8.52 21.84 -4.79
N LYS A 25 9.61 21.81 -5.55
CA LYS A 25 9.57 21.44 -6.97
C LYS A 25 8.96 20.06 -7.16
N ILE A 26 9.34 19.13 -6.29
CA ILE A 26 8.82 17.79 -6.36
C ILE A 26 7.31 17.82 -6.09
N TYR A 27 6.95 18.53 -5.03
CA TYR A 27 5.53 18.65 -4.67
C TYR A 27 4.74 19.34 -5.78
N ALA A 28 5.30 20.38 -6.36
CA ALA A 28 4.60 21.11 -7.41
C ALA A 28 4.36 20.20 -8.62
N GLU A 29 5.34 19.36 -8.90
CA GLU A 29 5.28 18.47 -10.06
C GLU A 29 4.17 17.43 -9.92
N VAL A 30 4.08 16.80 -8.76
CA VAL A 30 3.14 15.70 -8.58
C VAL A 30 1.73 16.14 -8.18
N LEU A 31 1.58 17.27 -7.51
CA LEU A 31 0.25 17.68 -7.05
C LEU A 31 -0.48 18.48 -8.12
N ASP A 32 -1.67 18.01 -8.46
CA ASP A 32 -2.58 18.77 -9.29
C ASP A 32 -3.42 19.63 -8.35
N GLY A 33 -4.17 20.57 -8.92
CA GLY A 33 -5.06 21.42 -8.16
C GLY A 33 -6.01 20.71 -7.21
N ARG A 34 -6.62 19.61 -7.67
CA ARG A 34 -7.60 18.90 -6.85
C ARG A 34 -6.96 18.20 -5.66
N THR A 35 -5.83 17.55 -5.88
CA THR A 35 -5.16 16.84 -4.79
C THR A 35 -4.66 17.82 -3.74
N LEU A 36 -4.10 18.92 -4.19
CA LEU A 36 -3.64 19.96 -3.27
C LEU A 36 -4.75 20.37 -2.29
N LYS A 37 -5.95 20.65 -2.82
CA LYS A 37 -7.05 21.06 -1.94
C LYS A 37 -7.34 19.94 -0.92
N THR A 38 -7.27 18.71 -1.39
CA THR A 38 -7.54 17.57 -0.53
C THR A 38 -6.52 17.50 0.60
N LEU A 39 -5.24 17.61 0.26
CA LEU A 39 -4.19 17.64 1.28
C LEU A 39 -4.40 18.80 2.23
N TYR A 40 -4.73 19.96 1.69
CA TYR A 40 -5.06 21.10 2.55
C TYR A 40 -6.20 20.76 3.53
N LYS A 41 -7.26 20.14 3.02
CA LYS A 41 -8.41 19.82 3.87
C LYS A 41 -8.07 18.83 4.97
N LEU A 42 -7.25 17.85 4.65
CA LEU A 42 -6.82 16.86 5.63
C LEU A 42 -5.93 17.49 6.69
N SER A 43 -5.22 18.53 6.28
CA SER A 43 -4.44 19.31 7.23
C SER A 43 -5.37 20.10 8.15
N ALA A 44 -6.30 20.84 7.55
CA ALA A 44 -7.21 21.67 8.34
C ALA A 44 -8.07 20.85 9.30
N LYS A 45 -8.29 19.58 8.98
CA LYS A 45 -9.12 18.73 9.83
C LYS A 45 -8.30 18.07 10.94
N GLY A 46 -6.99 18.26 10.89
CA GLY A 46 -6.13 17.74 11.94
C GLY A 46 -5.36 16.45 11.65
N TYR A 47 -5.59 15.83 10.49
CA TYR A 47 -4.93 14.54 10.21
C TYR A 47 -3.46 14.70 9.88
N ILE A 48 -3.17 15.67 9.01
CA ILE A 48 -1.82 15.96 8.56
C ILE A 48 -1.22 17.13 9.34
N THR A 49 -0.05 16.92 9.93
CA THR A 49 0.66 17.98 10.67
C THR A 49 1.71 18.65 9.79
N ALA A 50 2.48 17.84 9.07
CA ALA A 50 3.46 18.37 8.11
C ALA A 50 3.89 17.29 7.13
N MET A 51 4.08 17.69 5.87
CA MET A 51 4.45 16.78 4.80
C MET A 51 5.97 16.68 4.72
N GLY A 52 6.50 15.50 4.45
CA GLY A 52 7.93 15.29 4.38
C GLY A 52 8.38 14.90 2.98
N GLY A 53 9.43 14.10 2.89
CA GLY A 53 10.02 13.75 1.61
C GLY A 53 9.25 12.67 0.87
N VAL A 54 9.58 12.48 -0.40
CA VAL A 54 9.01 11.40 -1.18
C VAL A 54 9.48 10.06 -0.64
N ILE A 55 8.55 9.11 -0.51
CA ILE A 55 8.89 7.74 -0.09
C ILE A 55 8.96 6.79 -1.27
N SER A 56 7.98 6.87 -2.17
CA SER A 56 8.06 6.09 -3.41
C SER A 56 7.32 6.77 -4.52
N THR A 57 7.78 6.53 -5.74
CA THR A 57 7.18 7.06 -6.95
C THR A 57 6.67 5.87 -7.76
N GLY A 58 5.62 6.08 -8.54
CA GLY A 58 5.05 4.99 -9.32
C GLY A 58 4.14 5.51 -10.41
N LYS A 59 3.58 4.58 -11.18
CA LYS A 59 2.67 4.92 -12.28
C LYS A 59 1.32 5.35 -11.74
N GLU A 60 0.73 4.50 -10.90
CA GLU A 60 -0.60 4.76 -10.34
C GLU A 60 -0.61 5.65 -9.09
N ALA A 61 0.50 5.69 -8.36
CA ALA A 61 0.50 6.40 -7.09
C ALA A 61 1.87 6.84 -6.59
N ASN A 62 1.88 7.97 -5.86
CA ASN A 62 3.09 8.41 -5.16
C ASN A 62 2.85 8.41 -3.65
N VAL A 63 3.90 8.09 -2.91
CA VAL A 63 3.79 8.05 -1.45
C VAL A 63 4.77 9.01 -0.80
N PHE A 64 4.28 9.86 0.10
CA PHE A 64 5.11 10.80 0.87
C PHE A 64 5.02 10.49 2.36
N TYR A 65 6.08 10.89 3.07
CA TYR A 65 6.05 10.88 4.53
C TYR A 65 5.27 12.10 5.01
N ALA A 66 4.58 11.95 6.14
CA ALA A 66 4.03 13.10 6.86
C ALA A 66 3.97 12.81 8.35
N ASP A 67 4.14 13.84 9.16
CA ASP A 67 3.74 13.74 10.54
C ASP A 67 2.27 14.07 10.59
N GLY A 68 1.55 13.37 11.44
CA GLY A 68 0.12 13.56 11.50
C GLY A 68 -0.42 13.17 12.84
N VAL A 69 -1.75 13.13 12.92
CA VAL A 69 -2.48 12.87 14.16
C VAL A 69 -3.64 11.91 13.86
N PHE A 70 -3.80 10.89 14.68
CA PHE A 70 -4.90 9.95 14.50
C PHE A 70 -5.37 9.45 15.84
N ASP A 71 -6.66 9.64 16.12
CA ASP A 71 -7.26 9.19 17.36
C ASP A 71 -6.57 9.83 18.58
N GLY A 72 -6.25 11.11 18.46
CA GLY A 72 -5.72 11.88 19.58
C GLY A 72 -4.24 11.69 19.86
N LYS A 73 -3.55 10.94 19.00
CA LYS A 73 -2.11 10.69 19.16
C LYS A 73 -1.34 11.12 17.93
N PRO A 74 -0.10 11.61 18.12
CA PRO A 74 0.74 11.91 16.96
C PRO A 74 1.18 10.61 16.31
N VAL A 75 1.26 10.58 14.99
CA VAL A 75 1.74 9.39 14.30
C VAL A 75 2.64 9.78 13.13
N ALA A 76 3.51 8.86 12.76
CA ALA A 76 4.23 8.96 11.50
C ALA A 76 3.41 8.26 10.43
N MET A 77 3.24 8.92 9.29
CA MET A 77 2.30 8.43 8.29
C MET A 77 2.93 8.26 6.93
N ALA A 78 2.39 7.32 6.17
CA ALA A 78 2.62 7.28 4.74
C ALA A 78 1.38 7.92 4.15
N VAL A 79 1.58 8.86 3.23
CA VAL A 79 0.48 9.54 2.54
C VAL A 79 0.55 9.07 1.10
N LYS A 80 -0.40 8.23 0.72
CA LYS A 80 -0.38 7.61 -0.59
C LYS A 80 -1.32 8.37 -1.50
N ILE A 81 -0.79 8.88 -2.60
CA ILE A 81 -1.61 9.70 -3.47
C ILE A 81 -1.77 9.03 -4.83
N TYR A 82 -2.98 8.58 -5.15
CA TYR A 82 -3.24 7.98 -6.46
C TYR A 82 -3.30 9.11 -7.49
N ARG A 83 -2.57 8.96 -8.60
CA ARG A 83 -2.61 9.93 -9.69
C ARG A 83 -4.02 10.05 -10.23
N ILE A 84 -4.52 11.27 -10.31
CA ILE A 84 -5.91 11.51 -10.67
C ILE A 84 -6.23 11.28 -12.16
N GLU A 85 -5.27 11.55 -13.03
CA GLU A 85 -5.42 11.25 -14.46
C GLU A 85 -5.49 9.74 -14.73
N THR A 86 -6.63 9.27 -15.23
CA THR A 86 -6.82 7.84 -15.45
C THR A 86 -7.20 7.47 -16.90
N SER A 87 -6.70 6.33 -17.36
CA SER A 87 -6.97 5.84 -18.71
C SER A 87 -8.25 5.01 -18.74
N GLU A 88 -8.88 4.93 -19.92
CA GLU A 88 -10.15 4.24 -20.09
C GLU A 88 -10.13 2.79 -19.63
N PHE A 89 -8.94 2.22 -19.53
CA PHE A 89 -8.78 0.86 -19.07
C PHE A 89 -7.50 0.74 -18.25
N ASP A 90 -7.65 0.32 -17.00
CA ASP A 90 -6.53 0.15 -16.09
C ASP A 90 -6.75 -1.20 -15.43
N LYS A 91 -5.69 -1.89 -15.03
CA LYS A 91 -5.88 -3.18 -14.39
C LYS A 91 -6.50 -3.02 -13.01
N MET A 92 -6.49 -1.80 -12.49
CA MET A 92 -7.12 -1.54 -11.21
C MET A 92 -8.63 -1.73 -11.31
N ASP A 93 -9.20 -1.43 -12.47
CA ASP A 93 -10.62 -1.62 -12.70
C ASP A 93 -10.96 -3.10 -12.68
N GLU A 94 -10.12 -3.90 -13.31
CA GLU A 94 -10.31 -5.33 -13.37
C GLU A 94 -10.21 -5.93 -11.98
N TYR A 95 -9.45 -5.30 -11.10
CA TYR A 95 -9.29 -5.81 -9.73
C TYR A 95 -10.58 -5.65 -8.94
N LEU A 96 -11.52 -4.87 -9.46
CA LEU A 96 -12.80 -4.67 -8.81
C LEU A 96 -13.83 -5.77 -9.11
N TYR A 97 -13.56 -6.56 -10.15
CA TYR A 97 -14.47 -7.64 -10.56
C TYR A 97 -14.89 -8.50 -9.38
N GLY A 98 -16.20 -8.61 -9.16
CA GLY A 98 -16.74 -9.46 -8.12
C GLY A 98 -16.63 -8.95 -6.70
N ASP A 99 -16.15 -7.73 -6.53
CA ASP A 99 -16.07 -7.11 -5.22
C ASP A 99 -17.41 -6.45 -4.91
N GLU A 100 -18.16 -7.07 -3.99
CA GLU A 100 -19.49 -6.62 -3.67
C GLU A 100 -19.54 -5.31 -2.89
N ARG A 101 -18.40 -4.88 -2.36
CA ARG A 101 -18.31 -3.63 -1.61
C ARG A 101 -18.47 -2.43 -2.53
N PHE A 102 -18.33 -2.68 -3.82
CA PHE A 102 -18.37 -1.60 -4.78
C PHE A 102 -19.20 -1.99 -5.99
N ASP A 103 -20.12 -1.14 -6.41
CA ASP A 103 -20.71 -1.32 -7.74
C ASP A 103 -20.54 -0.05 -8.55
N MET A 104 -19.95 -0.17 -9.73
CA MET A 104 -19.63 0.99 -10.54
C MET A 104 -20.85 1.51 -11.31
N ARG A 105 -22.01 1.03 -10.90
CA ARG A 105 -23.29 1.46 -11.44
C ARG A 105 -23.71 2.74 -10.72
N ARG A 106 -22.95 3.09 -9.68
CA ARG A 106 -23.21 4.30 -8.92
C ARG A 106 -22.02 5.27 -8.90
N ILE A 107 -21.06 5.07 -9.80
CA ILE A 107 -19.91 5.97 -9.88
C ILE A 107 -19.68 6.46 -11.31
N SER A 108 -19.08 7.63 -11.44
CA SER A 108 -18.67 8.15 -12.74
C SER A 108 -17.20 7.83 -12.97
N PRO A 109 -16.88 7.19 -14.11
CA PRO A 109 -15.53 6.74 -14.47
C PRO A 109 -14.44 7.81 -14.33
N LYS A 110 -14.84 9.08 -14.20
CA LYS A 110 -13.88 10.15 -13.95
C LYS A 110 -13.46 10.16 -12.47
N GLU A 111 -14.15 9.38 -11.65
CA GLU A 111 -13.89 9.34 -10.22
C GLU A 111 -13.62 7.92 -9.72
N LYS A 112 -13.21 7.05 -10.64
CA LYS A 112 -12.92 5.67 -10.29
C LYS A 112 -11.69 5.59 -9.38
N VAL A 113 -10.76 6.52 -9.55
CA VAL A 113 -9.56 6.57 -8.71
C VAL A 113 -9.91 6.70 -7.22
N PHE A 114 -11.02 7.37 -6.94
CA PHE A 114 -11.48 7.52 -5.56
C PHE A 114 -11.88 6.15 -5.03
N ILE A 115 -12.44 5.32 -5.90
CA ILE A 115 -12.82 3.96 -5.54
C ILE A 115 -11.59 3.07 -5.31
N TRP A 116 -10.58 3.21 -6.17
CA TRP A 116 -9.32 2.51 -5.94
C TRP A 116 -8.76 2.87 -4.57
N THR A 117 -8.81 4.16 -4.26
CA THR A 117 -8.27 4.64 -2.99
C THR A 117 -9.09 4.04 -1.83
N GLU A 118 -10.42 4.13 -1.91
CA GLU A 118 -11.27 3.59 -0.84
C GLU A 118 -11.07 2.10 -0.66
N LYS A 119 -10.94 1.40 -1.78
CA LYS A 119 -10.74 -0.05 -1.73
C LYS A 119 -9.46 -0.39 -0.97
N GLU A 120 -8.37 0.30 -1.31
CA GLU A 120 -7.12 0.06 -0.60
C GLU A 120 -7.31 0.28 0.90
N PHE A 121 -7.99 1.36 1.27
CA PHE A 121 -8.21 1.65 2.69
C PHE A 121 -9.00 0.52 3.34
N ARG A 122 -10.06 0.08 2.67
CA ARG A 122 -10.91 -0.97 3.22
C ARG A 122 -10.22 -2.33 3.23
N ASN A 123 -9.36 -2.59 2.24
CA ASN A 123 -8.49 -3.77 2.30
C ASN A 123 -7.54 -3.76 3.51
N LEU A 124 -6.97 -2.60 3.80
CA LEU A 124 -6.08 -2.43 4.96
C LEU A 124 -6.87 -2.75 6.22
N GLU A 125 -8.07 -2.19 6.33
CA GLU A 125 -8.92 -2.49 7.47
C GLU A 125 -9.22 -3.96 7.60
N ARG A 126 -9.64 -4.57 6.50
CA ARG A 126 -10.01 -5.97 6.47
C ARG A 126 -8.78 -6.84 6.83
N ALA A 127 -7.66 -6.58 6.15
CA ALA A 127 -6.41 -7.29 6.46
C ALA A 127 -6.03 -7.14 7.93
N LYS A 128 -5.99 -5.90 8.42
CA LYS A 128 -5.58 -5.68 9.80
C LYS A 128 -6.51 -6.41 10.79
N GLU A 129 -7.81 -6.42 10.49
CA GLU A 129 -8.79 -7.19 11.27
C GLU A 129 -8.51 -8.67 11.28
N ALA A 130 -8.03 -9.18 10.15
CA ALA A 130 -7.72 -10.60 10.04
C ALA A 130 -6.36 -10.94 10.65
N GLY A 131 -5.69 -9.94 11.22
CA GLY A 131 -4.41 -10.19 11.86
C GLY A 131 -3.25 -10.29 10.89
N VAL A 132 -3.46 -9.81 9.68
CA VAL A 132 -2.36 -9.70 8.70
C VAL A 132 -1.51 -8.48 9.06
N SER A 133 -0.20 -8.58 8.86
CA SER A 133 0.71 -7.48 9.17
C SER A 133 0.77 -6.47 8.04
N VAL A 134 0.03 -5.38 8.18
CA VAL A 134 -0.08 -4.37 7.14
C VAL A 134 -0.08 -3.03 7.86
N PRO A 135 0.15 -1.91 7.14
CA PRO A 135 0.14 -0.63 7.87
C PRO A 135 -1.27 -0.35 8.39
N GLN A 136 -1.39 0.15 9.61
CA GLN A 136 -2.70 0.54 10.13
C GLN A 136 -3.29 1.62 9.24
N PRO A 137 -4.54 1.43 8.76
CA PRO A 137 -5.12 2.51 7.97
C PRO A 137 -5.63 3.60 8.92
N TYR A 138 -5.45 4.87 8.53
CA TYR A 138 -5.89 6.00 9.36
C TYR A 138 -7.15 6.67 8.83
N THR A 139 -7.08 7.21 7.61
CA THR A 139 -8.26 7.73 6.96
C THR A 139 -7.95 7.84 5.48
N TYR A 140 -8.95 8.23 4.68
CA TYR A 140 -8.77 8.54 3.26
C TYR A 140 -9.74 9.64 2.82
N MET A 141 -9.46 10.29 1.70
CA MET A 141 -10.37 11.29 1.13
C MET A 141 -10.00 11.51 -0.33
N LYS A 142 -10.98 11.41 -1.22
CA LYS A 142 -10.72 11.48 -2.66
C LYS A 142 -9.61 10.48 -3.05
N ASN A 143 -8.54 10.96 -3.68
CA ASN A 143 -7.44 10.08 -4.12
C ASN A 143 -6.29 9.96 -3.10
N VAL A 144 -6.54 10.34 -1.85
CA VAL A 144 -5.49 10.35 -0.86
C VAL A 144 -5.78 9.38 0.28
N LEU A 145 -4.81 8.53 0.60
CA LEU A 145 -4.96 7.57 1.67
C LEU A 145 -3.85 7.79 2.71
N LEU A 146 -4.23 7.83 3.98
CA LEU A 146 -3.24 8.00 5.05
C LEU A 146 -3.16 6.73 5.87
N MET A 147 -1.96 6.24 6.11
CA MET A 147 -1.78 5.02 6.86
C MET A 147 -0.51 5.10 7.68
N GLU A 148 -0.37 4.17 8.63
CA GLU A 148 0.83 4.00 9.42
C GLU A 148 2.10 3.96 8.59
N PHE A 149 3.10 4.73 9.00
CA PHE A 149 4.42 4.70 8.35
C PHE A 149 5.21 3.50 8.89
N ILE A 150 5.67 2.64 8.00
CA ILE A 150 6.45 1.49 8.41
C ILE A 150 7.94 1.81 8.24
N GLY A 151 8.62 1.90 9.38
CA GLY A 151 10.02 2.29 9.40
C GLY A 151 10.27 3.08 10.65
N GLU A 152 11.37 3.82 10.67
CA GLU A 152 11.75 4.59 11.84
C GLU A 152 12.48 5.86 11.41
N ASP A 153 12.19 6.97 12.09
CA ASP A 153 12.90 8.23 11.88
C ASP A 153 12.90 8.66 10.41
N GLU A 154 11.74 8.53 9.77
CA GLU A 154 11.52 8.97 8.39
C GLU A 154 12.29 8.12 7.35
N LEU A 155 12.82 7.00 7.79
CA LEU A 155 13.40 6.05 6.85
C LEU A 155 12.45 4.87 6.74
N PRO A 156 11.96 4.62 5.53
CA PRO A 156 11.05 3.50 5.30
C PRO A 156 11.78 2.19 5.49
N ALA A 157 11.06 1.18 5.95
CA ALA A 157 11.61 -0.16 6.13
C ALA A 157 12.13 -0.71 4.80
N PRO A 158 13.19 -1.53 4.85
CA PRO A 158 13.67 -2.18 3.63
C PRO A 158 12.68 -3.21 3.14
N THR A 159 12.50 -3.26 1.83
CA THR A 159 11.78 -4.36 1.21
C THR A 159 12.70 -5.58 1.21
N LEU A 160 12.09 -6.74 0.99
CA LEU A 160 12.82 -8.01 0.93
C LEU A 160 13.93 -7.96 -0.11
N VAL A 161 13.63 -7.33 -1.24
CA VAL A 161 14.56 -7.28 -2.34
C VAL A 161 15.72 -6.37 -1.98
N GLU A 162 15.46 -5.33 -1.20
CA GLU A 162 16.52 -4.47 -0.73
C GLU A 162 17.41 -5.22 0.26
N LEU A 163 16.82 -6.03 1.14
CA LEU A 163 17.63 -6.78 2.09
C LEU A 163 18.55 -7.76 1.37
N GLY A 164 18.00 -8.50 0.42
CA GLY A 164 18.78 -9.46 -0.36
C GLY A 164 19.56 -10.40 0.53
N ARG A 165 20.88 -10.42 0.34
CA ARG A 165 21.78 -11.33 1.03
C ARG A 165 21.65 -11.23 2.54
N GLU A 166 21.32 -10.01 2.99
CA GLU A 166 21.19 -9.70 4.42
C GLU A 166 20.19 -10.58 5.13
N LEU A 167 19.25 -11.12 4.37
CA LEU A 167 18.19 -11.95 4.94
C LEU A 167 18.79 -13.16 5.64
N LYS A 168 19.97 -13.56 5.22
CA LYS A 168 20.65 -14.71 5.80
C LYS A 168 21.16 -14.44 7.22
N GLU A 169 21.21 -13.17 7.61
CA GLU A 169 21.62 -12.84 8.97
C GLU A 169 20.43 -12.54 9.90
N LEU A 170 19.21 -12.78 9.44
CA LEU A 170 18.02 -12.50 10.24
C LEU A 170 17.05 -13.69 10.31
N ASP A 171 17.59 -14.90 10.21
CA ASP A 171 16.77 -16.12 10.18
C ASP A 171 15.84 -16.07 8.97
N VAL A 172 16.41 -16.31 7.78
CA VAL A 172 15.66 -16.24 6.54
C VAL A 172 14.53 -17.28 6.46
N GLU A 173 14.72 -18.45 7.07
CA GLU A 173 13.62 -19.43 7.10
C GLU A 173 12.44 -18.90 7.92
N GLY A 174 12.73 -18.25 9.04
CA GLY A 174 11.71 -17.64 9.87
C GLY A 174 10.97 -16.57 9.11
N ILE A 175 11.70 -15.83 8.29
CA ILE A 175 11.08 -14.77 7.50
C ILE A 175 10.14 -15.32 6.44
N PHE A 176 10.59 -16.36 5.73
CA PHE A 176 9.72 -17.07 4.78
C PHE A 176 8.44 -17.52 5.46
N ASN A 177 8.59 -18.21 6.60
CA ASN A 177 7.43 -18.68 7.36
C ASN A 177 6.48 -17.54 7.75
N ASP A 178 7.06 -16.40 8.15
CA ASP A 178 6.28 -15.20 8.51
C ASP A 178 5.50 -14.72 7.28
N VAL A 179 6.11 -14.80 6.11
CA VAL A 179 5.43 -14.42 4.87
C VAL A 179 4.23 -15.33 4.59
N VAL A 180 4.45 -16.63 4.65
CA VAL A 180 3.42 -17.63 4.44
C VAL A 180 2.26 -17.45 5.41
N GLU A 181 2.56 -17.31 6.70
CA GLU A 181 1.52 -17.11 7.69
C GLU A 181 0.63 -15.92 7.35
N ASN A 182 1.22 -14.86 6.83
CA ASN A 182 0.43 -13.67 6.48
C ASN A 182 -0.43 -13.92 5.24
N VAL A 183 0.07 -14.69 4.29
CA VAL A 183 -0.72 -15.02 3.11
C VAL A 183 -1.90 -15.87 3.53
N LYS A 184 -1.63 -16.80 4.43
CA LYS A 184 -2.64 -17.64 5.03
C LYS A 184 -3.75 -16.82 5.71
N ARG A 185 -3.38 -15.93 6.62
CA ARG A 185 -4.39 -15.08 7.29
C ARG A 185 -5.17 -14.25 6.25
N LEU A 186 -4.46 -13.71 5.27
CA LEU A 186 -5.09 -12.89 4.25
C LEU A 186 -6.11 -13.70 3.47
N TYR A 187 -5.77 -14.95 3.18
CA TYR A 187 -6.65 -15.82 2.42
C TYR A 187 -7.82 -16.33 3.25
N GLN A 188 -7.53 -16.91 4.41
CA GLN A 188 -8.56 -17.58 5.22
C GLN A 188 -9.44 -16.63 6.03
N GLU A 189 -8.85 -15.58 6.62
CA GLU A 189 -9.60 -14.62 7.45
C GLU A 189 -10.06 -13.35 6.72
N ALA A 190 -9.16 -12.71 5.98
CA ALA A 190 -9.53 -11.50 5.23
C ALA A 190 -10.24 -11.83 3.93
N GLU A 191 -10.12 -13.07 3.47
CA GLU A 191 -10.63 -13.48 2.17
C GLU A 191 -10.16 -12.53 1.07
N LEU A 192 -8.86 -12.27 1.09
CA LEU A 192 -8.23 -11.43 0.09
C LEU A 192 -7.06 -12.21 -0.54
N VAL A 193 -6.71 -11.84 -1.76
CA VAL A 193 -5.55 -12.37 -2.43
C VAL A 193 -4.81 -11.23 -3.11
N HIS A 194 -3.53 -11.08 -2.82
CA HIS A 194 -2.77 -10.04 -3.46
C HIS A 194 -2.58 -10.43 -4.91
N ALA A 195 -2.79 -9.50 -5.83
CA ALA A 195 -2.63 -9.82 -7.25
C ALA A 195 -1.17 -10.06 -7.69
N ASP A 196 -0.21 -9.48 -6.97
CA ASP A 196 1.21 -9.59 -7.36
C ASP A 196 2.10 -9.41 -6.14
N LEU A 197 2.08 -10.42 -5.27
CA LEU A 197 2.84 -10.38 -4.06
C LEU A 197 4.26 -10.80 -4.35
N SER A 198 5.23 -9.96 -4.02
CA SER A 198 6.63 -10.32 -4.28
C SER A 198 7.58 -9.66 -3.30
N GLU A 199 8.88 -9.87 -3.52
CA GLU A 199 9.92 -9.25 -2.72
C GLU A 199 9.89 -7.72 -2.80
N TYR A 200 9.19 -7.18 -3.78
CA TYR A 200 9.13 -5.74 -3.99
C TYR A 200 8.08 -5.02 -3.14
N ASN A 201 7.09 -5.75 -2.64
CA ASN A 201 6.06 -5.12 -1.80
C ASN A 201 5.87 -5.82 -0.46
N ILE A 202 6.94 -6.43 0.01
CA ILE A 202 7.02 -6.93 1.38
C ILE A 202 8.19 -6.25 2.08
N MET A 203 7.90 -5.59 3.20
CA MET A 203 8.91 -4.91 3.98
C MET A 203 9.26 -5.73 5.21
N TYR A 204 10.42 -5.44 5.81
CA TYR A 204 10.87 -6.15 7.01
C TYR A 204 11.58 -5.23 8.00
N ILE A 205 11.07 -5.16 9.23
CA ILE A 205 11.82 -4.51 10.32
C ILE A 205 12.26 -5.59 11.31
N ASP A 206 11.34 -6.07 12.13
CA ASP A 206 11.60 -7.26 12.93
C ASP A 206 10.49 -8.29 12.71
N LYS A 207 9.71 -8.06 11.66
CA LYS A 207 8.70 -8.99 11.17
C LYS A 207 8.31 -8.50 9.78
N VAL A 208 7.59 -9.32 9.02
CA VAL A 208 7.19 -8.89 7.69
C VAL A 208 5.95 -7.98 7.70
N TYR A 209 5.91 -7.08 6.73
CA TYR A 209 4.76 -6.25 6.46
C TYR A 209 4.44 -6.31 4.97
N PHE A 210 3.17 -6.55 4.65
CA PHE A 210 2.66 -6.40 3.28
C PHE A 210 2.20 -4.96 3.15
N ILE A 211 2.76 -4.19 2.22
CA ILE A 211 2.58 -2.74 2.28
C ILE A 211 1.77 -2.12 1.16
N ASP A 212 1.42 -2.90 0.15
CA ASP A 212 0.48 -2.38 -0.84
C ASP A 212 -0.74 -3.28 -1.00
N MET A 213 -1.83 -2.89 -0.34
CA MET A 213 -3.04 -3.70 -0.36
C MET A 213 -4.07 -3.26 -1.40
N GLY A 214 -3.71 -2.31 -2.25
CA GLY A 214 -4.61 -1.86 -3.29
C GLY A 214 -4.57 -2.82 -4.47
N GLN A 215 -3.47 -3.54 -4.59
CA GLN A 215 -3.32 -4.47 -5.70
C GLN A 215 -3.82 -5.86 -5.27
N ALA A 216 -5.05 -5.89 -4.75
CA ALA A 216 -5.59 -7.11 -4.18
C ALA A 216 -6.97 -7.40 -4.76
N VAL A 217 -7.40 -8.66 -4.70
CA VAL A 217 -8.74 -9.05 -5.10
C VAL A 217 -9.44 -9.85 -4.01
N THR A 218 -10.78 -9.86 -4.04
CA THR A 218 -11.57 -10.74 -3.17
C THR A 218 -11.68 -12.14 -3.80
N LEU A 219 -12.11 -13.12 -3.02
CA LEU A 219 -12.20 -14.51 -3.49
C LEU A 219 -13.24 -14.74 -4.60
N ARG A 220 -14.11 -13.76 -4.82
CA ARG A 220 -15.08 -13.85 -5.91
C ARG A 220 -14.47 -13.51 -7.28
N HIS A 221 -13.26 -12.94 -7.27
CA HIS A 221 -12.57 -12.62 -8.51
C HIS A 221 -12.14 -13.88 -9.27
N PRO A 222 -12.43 -13.93 -10.58
CA PRO A 222 -12.11 -15.06 -11.45
C PRO A 222 -10.65 -15.47 -11.39
N MET A 223 -9.77 -14.50 -11.16
CA MET A 223 -8.33 -14.78 -11.16
C MET A 223 -7.78 -15.01 -9.77
N ALA A 224 -8.65 -15.01 -8.77
CA ALA A 224 -8.19 -15.02 -7.37
C ALA A 224 -7.29 -16.24 -7.12
N GLU A 225 -7.70 -17.39 -7.62
CA GLU A 225 -6.96 -18.61 -7.40
C GLU A 225 -5.64 -18.64 -8.17
N SER A 226 -5.61 -18.11 -9.39
CA SER A 226 -4.38 -18.03 -10.16
C SER A 226 -3.42 -17.06 -9.49
N TYR A 227 -3.94 -15.90 -9.10
CA TYR A 227 -3.11 -14.90 -8.45
C TYR A 227 -2.47 -15.51 -7.22
N LEU A 228 -3.23 -16.32 -6.48
CA LEU A 228 -2.71 -16.93 -5.27
C LEU A 228 -1.57 -17.89 -5.59
N GLU A 229 -1.77 -18.73 -6.60
CA GLU A 229 -0.75 -19.69 -6.97
C GLU A 229 0.52 -18.98 -7.42
N ARG A 230 0.36 -17.92 -8.20
CA ARG A 230 1.52 -17.18 -8.69
C ARG A 230 2.25 -16.49 -7.54
N ASP A 231 1.49 -16.02 -6.56
CA ASP A 231 2.06 -15.43 -5.35
C ASP A 231 2.98 -16.43 -4.68
N VAL A 232 2.48 -17.66 -4.53
CA VAL A 232 3.22 -18.73 -3.87
C VAL A 232 4.50 -19.02 -4.64
N ARG A 233 4.40 -19.09 -5.96
CA ARG A 233 5.57 -19.30 -6.79
C ARG A 233 6.56 -18.14 -6.71
N ASN A 234 6.05 -16.91 -6.65
CA ASN A 234 6.88 -15.72 -6.44
C ASN A 234 7.68 -15.85 -5.17
N ILE A 235 6.99 -16.20 -4.09
CA ILE A 235 7.65 -16.28 -2.79
C ILE A 235 8.72 -17.39 -2.82
N ILE A 236 8.34 -18.56 -3.30
CA ILE A 236 9.27 -19.69 -3.37
C ILE A 236 10.48 -19.37 -4.22
N ARG A 237 10.24 -18.83 -5.41
CA ARG A 237 11.33 -18.38 -6.27
C ARG A 237 12.30 -17.52 -5.49
N PHE A 238 11.78 -16.45 -4.87
CA PHE A 238 12.63 -15.50 -4.15
C PHE A 238 13.40 -16.09 -2.97
N PHE A 239 12.70 -16.78 -2.07
CA PHE A 239 13.33 -17.29 -0.86
C PHE A 239 14.28 -18.45 -1.08
N SER A 240 14.13 -19.14 -2.20
CA SER A 240 15.01 -20.28 -2.49
C SER A 240 16.42 -19.77 -2.75
N LYS A 241 16.50 -18.58 -3.35
CA LYS A 241 17.76 -17.93 -3.67
C LYS A 241 18.63 -17.74 -2.45
N TYR A 242 18.00 -17.77 -1.29
CA TYR A 242 18.73 -17.55 -0.05
C TYR A 242 18.76 -18.80 0.79
N GLY A 243 18.60 -19.94 0.12
CA GLY A 243 18.81 -21.24 0.76
C GLY A 243 17.59 -21.88 1.38
N VAL A 244 16.44 -21.18 1.38
CA VAL A 244 15.21 -21.75 1.93
C VAL A 244 14.65 -22.83 1.02
N LYS A 245 14.40 -24.00 1.57
CA LYS A 245 13.91 -25.13 0.79
C LYS A 245 12.42 -25.31 1.04
N ALA A 246 11.59 -25.00 0.04
CA ALA A 246 10.15 -25.12 0.21
C ALA A 246 9.43 -25.72 -0.99
N ASP A 247 8.30 -26.39 -0.73
CA ASP A 247 7.53 -27.05 -1.77
C ASP A 247 6.20 -26.32 -2.05
N PHE A 248 5.95 -26.07 -3.35
CA PHE A 248 4.76 -25.37 -3.83
C PHE A 248 3.44 -25.89 -3.26
N GLU A 249 3.18 -27.18 -3.45
CA GLU A 249 1.92 -27.79 -3.03
C GLU A 249 1.70 -27.72 -1.53
N GLU A 250 2.80 -27.80 -0.78
CA GLU A 250 2.75 -27.81 0.68
C GLU A 250 2.31 -26.47 1.20
N MET A 251 2.90 -25.41 0.66
CA MET A 251 2.58 -24.06 1.11
C MET A 251 1.22 -23.59 0.58
N LEU A 252 0.86 -24.02 -0.63
CA LEU A 252 -0.47 -23.75 -1.16
C LEU A 252 -1.51 -24.40 -0.28
N LYS A 253 -1.28 -25.67 0.09
CA LYS A 253 -2.16 -26.33 1.05
C LYS A 253 -2.15 -25.57 2.38
N GLU A 254 -0.98 -25.15 2.83
CA GLU A 254 -0.84 -24.45 4.11
C GLU A 254 -1.62 -23.13 4.15
N VAL A 255 -1.58 -22.38 3.05
CA VAL A 255 -2.37 -21.17 2.94
C VAL A 255 -3.89 -21.46 2.90
N LYS A 256 -4.31 -22.40 2.06
CA LYS A 256 -5.74 -22.64 1.83
C LYS A 256 -6.43 -23.54 2.89
N GLY A 257 -5.65 -24.36 3.58
CA GLY A 257 -6.21 -25.29 4.54
C GLY A 257 -7.20 -26.26 3.91
N GLU A 258 -6.71 -27.15 3.05
CA GLU A 258 -7.55 -28.10 2.33
C GLU A 258 -8.40 -28.96 3.26
C10 1L7 B . 3.96 1.66 -1.68
N12 1L7 B . 1.64 1.08 -0.54
C13 1L7 B . 4.23 1.47 -2.96
C15 1L7 B . 2.54 2.65 -4.45
C01 1L7 B . 5.70 2.95 5.14
C02 1L7 B . 4.41 2.45 5.36
C03 1L7 B . 3.55 2.19 4.31
C04 1L7 B . 3.99 2.43 3.04
C05 1L7 B . 5.27 2.93 2.84
C06 1L7 B . 6.14 3.18 3.88
C07 1L7 B . 5.72 3.19 1.37
N08 1L7 B . 4.68 2.63 0.55
C09 1L7 B . 5.03 2.24 -0.80
C11 1L7 B . 2.63 1.32 -1.03
C14 1L7 B . 3.16 1.45 -4.04
C16 1L7 B . 1.56 2.56 -5.48
N17 1L7 B . 1.22 1.39 -6.03
C18 1L7 B . 1.80 0.25 -5.67
C19 1L7 B . 2.80 0.22 -4.67
O20 1L7 B . 6.18 2.40 -1.19
#